data_2CGN
#
_entry.id   2CGN
#
_cell.length_a   86.606
_cell.length_b   86.606
_cell.length_c   145.942
_cell.angle_alpha   90.00
_cell.angle_beta   90.00
_cell.angle_gamma   90.00
#
_symmetry.space_group_name_H-M   'P 41 21 2'
#
loop_
_entity.id
_entity.type
_entity.pdbx_description
1 polymer 'HYPOXIA-INDUCIBLE FACTOR 1 ALPHA INHIBITOR'
2 non-polymer 'FE (III) ION'
3 non-polymer 'SUCCINIC ACID'
4 non-polymer 'SULFATE ION'
5 water water
#
_entity_poly.entity_id   1
_entity_poly.type   'polypeptide(L)'
_entity_poly.pdbx_seq_one_letter_code
;MAATAAEAVASGSGEPREEAGALGPAWDESQLRSYSFPTRPIPRLSQSDPRAEELIENEEPVVLTDTNLVYPALKWDLEY
LQENIGNGDFSVYSASTHKFLYYDEKKMANFQNFKPRSNREEMKFHEFVEKLQDIQQRGGEERLYLQQTLNDTVGRKIVM
DFLGFNWNWINKQQGKRGWGQLTSNLLLIGMEGNVTPAHYDEQQNFFAQIKGYKRCILFPPDQFECLYPYPVHHPCDRQS
QVDFDNPDYERFPNFQNVVGYETVVGPGDVLYIPMYWWHHIESLLNGGITITVNFWYKGAPTPKRIEYPLKAHQKVAIMR
NIEKMLGEALGNPQEVGPLLNTMIKGRYN
;
_entity_poly.pdbx_strand_id   A
#
# COMPACT_ATOMS: atom_id res chain seq x y z
N ALA A 3 27.54 2.15 -4.48
CA ALA A 3 29.01 1.90 -4.38
C ALA A 3 29.49 2.06 -2.93
N THR A 4 30.82 2.11 -2.75
CA THR A 4 31.55 1.99 -1.44
C THR A 4 30.79 2.28 -0.07
N ALA A 5 31.50 2.73 0.98
CA ALA A 5 31.23 2.34 2.37
C ALA A 5 31.45 0.85 2.39
N ALA A 6 30.77 0.17 1.44
CA ALA A 6 30.98 -1.23 1.13
C ALA A 6 30.42 -1.97 2.33
N GLU A 7 29.15 -2.38 2.21
CA GLU A 7 28.31 -2.62 3.39
C GLU A 7 27.41 -3.87 3.27
N ALA A 8 26.56 -3.91 2.23
CA ALA A 8 25.57 -4.96 2.03
C ALA A 8 24.43 -4.94 3.08
N VAL A 9 24.16 -3.74 3.61
CA VAL A 9 22.88 -3.42 4.31
C VAL A 9 21.79 -3.07 3.26
N ALA A 10 22.19 -3.03 1.99
CA ALA A 10 21.25 -2.98 0.86
C ALA A 10 20.88 -4.40 0.42
N SER A 11 20.64 -5.27 1.41
CA SER A 11 20.31 -6.70 1.16
C SER A 11 18.90 -6.94 0.57
N GLY A 12 18.19 -5.82 0.30
CA GLY A 12 16.83 -5.84 -0.24
C GLY A 12 15.89 -6.65 0.64
N SER A 13 15.01 -7.40 -0.02
CA SER A 13 14.07 -8.29 0.69
C SER A 13 14.74 -9.64 0.95
N GLY A 14 15.89 -9.86 0.30
CA GLY A 14 16.82 -10.90 0.73
C GLY A 14 16.72 -12.19 -0.02
N GLU A 15 17.56 -13.13 0.41
CA GLU A 15 17.58 -14.46 -0.17
C GLU A 15 16.22 -15.12 0.14
N PRO A 16 15.53 -15.62 -0.90
CA PRO A 16 14.15 -16.07 -0.68
C PRO A 16 13.97 -17.19 0.37
N ARG A 17 12.84 -17.10 1.04
CA ARG A 17 12.56 -18.06 2.07
C ARG A 17 12.41 -19.52 1.48
N GLU A 18 12.80 -20.52 2.27
CA GLU A 18 12.49 -21.92 1.95
C GLU A 18 11.10 -22.30 2.50
N GLU A 19 10.23 -22.82 1.64
CA GLU A 19 8.94 -23.32 2.11
C GLU A 19 9.08 -24.70 2.73
N ALA A 20 8.30 -24.91 3.78
CA ALA A 20 8.20 -26.17 4.52
C ALA A 20 8.12 -27.43 3.64
N GLY A 21 8.64 -28.52 4.13
CA GLY A 21 8.50 -29.80 3.38
C GLY A 21 9.29 -29.79 2.08
N ALA A 22 10.44 -29.07 2.10
CA ALA A 22 11.42 -29.04 0.98
C ALA A 22 10.71 -28.72 -0.37
N LEU A 23 9.69 -27.87 -0.27
CA LEU A 23 8.90 -27.54 -1.48
C LEU A 23 9.56 -26.47 -2.36
N GLY A 24 10.82 -26.11 -2.06
CA GLY A 24 11.59 -25.22 -2.92
C GLY A 24 11.44 -23.76 -2.54
N PRO A 25 12.20 -22.87 -3.23
CA PRO A 25 12.15 -21.43 -2.98
C PRO A 25 10.77 -20.92 -3.25
N ALA A 26 10.23 -20.24 -2.29
CA ALA A 26 8.96 -19.59 -2.46
C ALA A 26 8.94 -18.73 -3.81
N TRP A 27 9.95 -17.88 -4.00
CA TRP A 27 9.96 -17.01 -5.18
C TRP A 27 11.36 -16.87 -5.58
N ASP A 28 11.54 -16.27 -6.74
CA ASP A 28 12.85 -16.09 -7.30
C ASP A 28 13.19 -14.63 -7.61
N GLU A 29 14.44 -14.23 -7.44
CA GLU A 29 14.88 -12.85 -7.74
C GLU A 29 14.46 -12.35 -9.10
N SER A 30 14.57 -13.17 -10.13
CA SER A 30 14.05 -12.86 -11.47
C SER A 30 12.59 -12.41 -11.47
N GLN A 31 11.84 -12.65 -10.38
CA GLN A 31 10.44 -12.24 -10.33
C GLN A 31 10.28 -10.78 -9.85
N LEU A 32 11.38 -10.11 -9.49
CA LEU A 32 11.31 -8.74 -8.97
C LEU A 32 11.45 -7.83 -10.17
N ARG A 33 10.78 -6.69 -10.19
CA ARG A 33 11.12 -5.64 -11.11
C ARG A 33 12.42 -4.94 -10.70
N SER A 34 13.08 -4.28 -11.65
CA SER A 34 14.40 -3.71 -11.39
C SER A 34 14.30 -2.20 -11.31
N TYR A 35 14.74 -1.62 -10.20
CA TYR A 35 14.52 -0.13 -9.96
C TYR A 35 15.86 0.59 -9.75
N SER A 36 15.84 1.91 -9.61
CA SER A 36 17.07 2.69 -9.65
C SER A 36 17.72 2.81 -8.32
N PHE A 37 17.05 2.46 -7.24
CA PHE A 37 17.42 3.00 -5.95
C PHE A 37 17.71 1.88 -4.98
N PRO A 38 18.48 2.16 -3.96
CA PRO A 38 18.75 1.01 -2.99
C PRO A 38 17.69 0.78 -1.92
N THR A 39 17.67 -0.47 -1.35
CA THR A 39 16.71 -0.91 -0.29
C THR A 39 17.31 -1.72 0.88
N ARG A 40 16.68 -1.59 2.04
CA ARG A 40 17.11 -2.31 3.21
C ARG A 40 15.90 -3.16 3.66
N PRO A 41 16.14 -4.31 4.29
CA PRO A 41 14.97 -5.28 4.63
C PRO A 41 14.05 -4.77 5.69
N ILE A 42 12.73 -4.86 5.52
CA ILE A 42 11.84 -4.78 6.69
C ILE A 42 12.17 -5.99 7.58
N PRO A 43 12.30 -5.78 8.89
CA PRO A 43 12.43 -6.98 9.75
C PRO A 43 11.13 -7.88 9.74
N ARG A 44 11.35 -9.20 9.72
CA ARG A 44 10.38 -10.32 9.82
C ARG A 44 10.51 -10.89 11.18
N LEU A 45 9.46 -10.77 11.95
CA LEU A 45 9.52 -11.08 13.33
C LEU A 45 8.31 -11.91 13.84
N SER A 46 8.56 -12.61 14.96
CA SER A 46 7.43 -13.12 15.67
C SER A 46 6.63 -11.98 16.33
N GLN A 47 5.34 -12.18 16.24
CA GLN A 47 4.41 -11.35 16.91
C GLN A 47 4.68 -11.39 18.40
N SER A 48 5.36 -12.38 18.91
CA SER A 48 5.64 -12.36 20.34
C SER A 48 7.01 -11.75 20.67
N ASP A 49 7.74 -11.36 19.63
CA ASP A 49 9.00 -10.63 19.76
C ASP A 49 8.77 -9.19 20.25
N PRO A 50 9.33 -8.85 21.42
CA PRO A 50 9.10 -7.48 21.90
C PRO A 50 9.67 -6.38 20.96
N ARG A 51 10.58 -6.75 20.07
CA ARG A 51 10.98 -5.83 19.04
C ARG A 51 9.81 -5.47 18.17
N ALA A 52 8.94 -6.42 17.88
CA ALA A 52 7.94 -6.14 16.88
C ALA A 52 7.01 -5.10 17.53
N GLU A 53 6.61 -5.27 18.79
CA GLU A 53 5.75 -4.27 19.47
C GLU A 53 6.45 -2.87 19.44
N GLU A 54 7.78 -2.87 19.47
CA GLU A 54 8.60 -1.69 19.54
C GLU A 54 8.50 -0.95 18.17
N LEU A 55 8.76 -1.68 17.08
CA LEU A 55 8.59 -1.14 15.77
C LEU A 55 7.22 -0.48 15.56
N ILE A 56 6.12 -1.22 15.81
CA ILE A 56 4.74 -0.68 15.63
C ILE A 56 4.49 0.54 16.55
N GLU A 57 4.95 0.47 17.81
CA GLU A 57 4.79 1.54 18.78
C GLU A 57 5.40 2.76 18.17
N ASN A 58 6.54 2.53 17.53
CA ASN A 58 7.33 3.62 16.96
C ASN A 58 6.93 3.96 15.55
N GLU A 59 5.87 3.39 15.03
CA GLU A 59 5.46 3.65 13.65
C GLU A 59 6.52 3.36 12.64
N GLU A 60 7.07 2.15 12.70
CA GLU A 60 8.06 1.70 11.66
C GLU A 60 7.55 0.43 11.15
N PRO A 61 7.76 0.17 9.85
CA PRO A 61 7.17 -1.03 9.28
C PRO A 61 7.68 -2.31 9.91
N VAL A 62 6.84 -3.31 9.99
CA VAL A 62 7.35 -4.65 10.40
C VAL A 62 6.47 -5.73 9.77
N VAL A 63 7.13 -6.84 9.40
CA VAL A 63 6.42 -8.00 8.97
C VAL A 63 6.28 -9.03 10.15
N LEU A 64 5.05 -9.34 10.50
CA LEU A 64 4.74 -10.40 11.57
C LEU A 64 4.39 -11.71 10.85
N THR A 65 5.13 -12.74 11.14
CA THR A 65 5.11 -13.97 10.32
C THR A 65 4.03 -14.98 10.86
N ASP A 66 3.59 -14.81 12.13
CA ASP A 66 2.84 -15.81 12.81
C ASP A 66 1.60 -15.25 13.59
N THR A 67 0.93 -14.25 13.09
CA THR A 67 -0.25 -13.69 13.83
C THR A 67 -1.56 -14.52 13.70
N ASN A 68 -1.74 -15.24 12.57
CA ASN A 68 -2.96 -15.98 12.29
C ASN A 68 -4.11 -15.08 12.17
N LEU A 69 -3.78 -13.90 11.72
CA LEU A 69 -4.73 -12.83 11.57
C LEU A 69 -5.90 -13.25 10.70
N VAL A 70 -5.56 -13.76 9.48
CA VAL A 70 -6.53 -14.09 8.46
C VAL A 70 -6.35 -15.59 8.19
N TYR A 71 -5.98 -16.31 9.24
CA TYR A 71 -5.80 -17.76 9.17
C TYR A 71 -6.90 -18.52 8.31
N PRO A 72 -8.20 -18.32 8.57
CA PRO A 72 -9.33 -19.03 7.81
C PRO A 72 -9.43 -18.62 6.33
N ALA A 73 -8.84 -17.47 5.96
CA ALA A 73 -8.80 -17.05 4.54
C ALA A 73 -7.64 -17.68 3.72
N LEU A 74 -6.77 -18.48 4.36
CA LEU A 74 -5.66 -19.05 3.57
C LEU A 74 -6.25 -19.97 2.54
N LYS A 75 -7.36 -20.67 2.91
CA LYS A 75 -8.09 -21.45 1.94
C LYS A 75 -8.65 -20.66 0.75
N TRP A 76 -8.89 -19.38 0.91
CA TRP A 76 -9.43 -18.60 -0.23
C TRP A 76 -8.67 -18.74 -1.56
N ASP A 77 -9.44 -18.80 -2.64
CA ASP A 77 -8.95 -18.74 -4.01
C ASP A 77 -10.14 -18.40 -4.86
N LEU A 78 -9.99 -18.40 -6.17
CA LEU A 78 -11.10 -18.03 -7.02
C LEU A 78 -12.36 -18.93 -6.94
N GLU A 79 -12.23 -20.26 -7.02
CA GLU A 79 -13.45 -21.09 -6.97
C GLU A 79 -14.20 -20.88 -5.64
N TYR A 80 -13.44 -20.89 -4.55
CA TYR A 80 -14.06 -20.75 -3.25
C TYR A 80 -14.69 -19.35 -3.10
N LEU A 81 -14.03 -18.28 -3.53
CA LEU A 81 -14.69 -16.92 -3.48
C LEU A 81 -15.93 -16.76 -4.38
N GLN A 82 -15.84 -17.15 -5.64
CA GLN A 82 -16.98 -17.03 -6.52
C GLN A 82 -18.25 -17.76 -5.95
N GLU A 83 -18.03 -18.90 -5.33
CA GLU A 83 -19.11 -19.66 -4.70
C GLU A 83 -19.63 -19.02 -3.42
N ASN A 84 -18.80 -18.21 -2.73
CA ASN A 84 -19.22 -17.73 -1.42
C ASN A 84 -19.28 -16.24 -1.19
N ILE A 85 -18.60 -15.44 -2.02
CA ILE A 85 -18.49 -13.96 -1.83
C ILE A 85 -19.87 -13.26 -2.05
N GLY A 86 -20.80 -13.99 -2.66
CA GLY A 86 -22.16 -13.50 -2.85
C GLY A 86 -22.33 -12.82 -4.17
N ASN A 87 -23.47 -12.13 -4.31
CA ASN A 87 -23.92 -11.53 -5.59
C ASN A 87 -23.72 -9.99 -5.65
N GLY A 88 -22.91 -9.47 -4.73
CA GLY A 88 -22.57 -8.05 -4.74
C GLY A 88 -21.84 -7.51 -5.99
N ASP A 89 -21.93 -6.18 -6.16
CA ASP A 89 -21.05 -5.40 -7.07
C ASP A 89 -19.59 -5.34 -6.52
N PHE A 90 -18.63 -5.70 -7.37
CA PHE A 90 -17.18 -5.54 -7.04
C PHE A 90 -16.49 -4.52 -7.94
N SER A 91 -15.77 -3.57 -7.36
CA SER A 91 -14.96 -2.57 -8.17
C SER A 91 -13.78 -3.24 -8.90
N VAL A 92 -13.68 -3.08 -10.22
CA VAL A 92 -12.58 -3.71 -10.94
C VAL A 92 -11.81 -2.75 -11.88
N TYR A 93 -10.55 -2.52 -11.49
CA TYR A 93 -9.71 -1.55 -12.17
C TYR A 93 -8.90 -2.26 -13.27
N SER A 94 -8.82 -1.60 -14.41
CA SER A 94 -8.12 -2.10 -15.58
C SER A 94 -6.95 -1.20 -15.96
N ALA A 95 -5.94 -1.80 -16.61
CA ALA A 95 -4.80 -1.02 -17.13
C ALA A 95 -4.26 -1.61 -18.42
N SER A 96 -3.94 -0.70 -19.34
CA SER A 96 -3.14 -0.96 -20.56
C SER A 96 -1.68 -1.29 -20.24
N THR A 97 -1.20 -0.83 -19.08
CA THR A 97 0.18 -0.96 -18.65
C THR A 97 0.25 -1.84 -17.40
N HIS A 98 1.45 -2.21 -16.93
CA HIS A 98 1.56 -2.87 -15.65
C HIS A 98 1.29 -1.97 -14.44
N LYS A 99 1.36 -0.65 -14.64
CA LYS A 99 1.20 0.34 -13.59
C LYS A 99 -0.22 0.80 -13.51
N PHE A 100 -0.83 0.57 -12.36
CA PHE A 100 -2.15 1.06 -12.14
C PHE A 100 -2.10 2.46 -11.62
N LEU A 101 -2.94 3.29 -12.18
CA LEU A 101 -2.94 4.68 -11.75
C LEU A 101 -4.36 4.95 -11.39
N TYR A 102 -4.55 5.49 -10.23
CA TYR A 102 -5.84 5.65 -9.65
C TYR A 102 -6.13 7.13 -9.51
N TYR A 103 -7.40 7.45 -9.54
CA TYR A 103 -7.86 8.80 -9.65
C TYR A 103 -8.87 9.07 -8.58
N ASP A 104 -8.81 10.16 -7.86
CA ASP A 104 -9.95 10.53 -7.07
C ASP A 104 -10.99 11.12 -8.01
N GLU A 105 -12.21 10.56 -7.95
CA GLU A 105 -13.23 10.90 -8.94
C GLU A 105 -13.92 12.21 -8.63
N LYS A 106 -14.10 12.52 -7.36
CA LYS A 106 -14.59 13.86 -7.00
C LYS A 106 -13.61 14.96 -7.50
N LYS A 107 -12.31 14.68 -7.48
CA LYS A 107 -11.30 15.71 -7.83
C LYS A 107 -11.16 15.97 -9.32
N MET A 108 -11.69 15.09 -10.15
CA MET A 108 -11.63 15.32 -11.58
C MET A 108 -12.34 16.58 -12.09
N ALA A 109 -13.38 17.06 -11.39
CA ALA A 109 -13.97 18.39 -11.74
C ALA A 109 -12.86 19.45 -11.85
N ASN A 110 -12.15 19.69 -10.74
CA ASN A 110 -10.90 20.51 -10.72
C ASN A 110 -10.17 20.55 -12.08
N PHE A 111 -9.48 19.45 -12.39
CA PHE A 111 -8.64 19.39 -13.57
C PHE A 111 -9.50 18.99 -14.84
N ASN A 119 -9.32 3.04 -15.01
CA ASN A 119 -10.77 2.86 -15.24
C ASN A 119 -11.39 1.78 -14.32
N ARG A 120 -12.44 2.20 -13.61
CA ARG A 120 -13.16 1.38 -12.64
C ARG A 120 -14.38 0.81 -13.30
N GLU A 121 -14.78 -0.38 -12.86
CA GLU A 121 -15.99 -1.00 -13.38
C GLU A 121 -16.59 -1.91 -12.33
N GLU A 122 -17.84 -1.63 -11.97
CA GLU A 122 -18.59 -2.45 -11.04
C GLU A 122 -19.01 -3.72 -11.76
N MET A 123 -18.86 -4.87 -11.10
CA MET A 123 -19.35 -6.09 -11.67
C MET A 123 -19.49 -7.14 -10.56
N LYS A 124 -20.04 -8.29 -10.96
CA LYS A 124 -20.19 -9.43 -10.07
C LYS A 124 -18.92 -10.30 -10.14
N PHE A 125 -18.66 -11.01 -9.05
CA PHE A 125 -17.44 -11.75 -8.95
C PHE A 125 -17.22 -12.68 -10.16
N HIS A 126 -18.26 -13.41 -10.52
CA HIS A 126 -18.15 -14.42 -11.57
C HIS A 126 -17.80 -13.74 -12.90
N GLU A 127 -18.19 -12.46 -13.05
CA GLU A 127 -17.77 -11.67 -14.22
C GLU A 127 -16.27 -11.31 -14.15
N PHE A 128 -15.78 -10.98 -12.96
CA PHE A 128 -14.37 -10.66 -12.80
C PHE A 128 -13.55 -11.89 -13.19
N VAL A 129 -13.96 -13.04 -12.60
CA VAL A 129 -13.31 -14.33 -12.84
C VAL A 129 -13.35 -14.70 -14.32
N GLU A 130 -14.50 -14.45 -14.97
CA GLU A 130 -14.66 -14.68 -16.41
C GLU A 130 -13.71 -13.80 -17.24
N LYS A 131 -13.84 -12.47 -17.13
CA LYS A 131 -12.88 -11.54 -17.78
C LYS A 131 -11.46 -12.02 -17.56
N LEU A 132 -11.21 -12.48 -16.36
CA LEU A 132 -9.89 -12.98 -16.00
C LEU A 132 -9.62 -14.34 -16.66
N GLN A 133 -10.54 -15.28 -16.45
CA GLN A 133 -10.61 -16.56 -17.19
C GLN A 133 -10.33 -16.33 -18.70
N ASP A 134 -11.08 -15.39 -19.28
CA ASP A 134 -10.96 -14.95 -20.67
C ASP A 134 -9.52 -14.56 -21.09
N ILE A 135 -9.02 -13.47 -20.54
CA ILE A 135 -7.68 -12.94 -20.88
C ILE A 135 -6.58 -14.01 -21.03
N GLN A 136 -6.57 -14.96 -20.09
CA GLN A 136 -5.54 -15.98 -20.05
C GLN A 136 -5.58 -16.81 -21.34
N GLN A 137 -6.78 -17.07 -21.85
CA GLN A 137 -6.94 -17.80 -23.13
C GLN A 137 -6.73 -16.86 -24.31
N ARG A 138 -7.50 -15.77 -24.32
CA ARG A 138 -7.38 -14.72 -25.34
C ARG A 138 -6.14 -13.88 -25.08
N GLU A 141 -3.02 -9.04 -23.22
CA GLU A 141 -2.20 -7.96 -22.61
C GLU A 141 -2.88 -7.27 -21.44
N GLU A 142 -4.21 -7.37 -21.37
CA GLU A 142 -4.99 -6.59 -20.42
C GLU A 142 -4.86 -7.11 -18.99
N ARG A 143 -4.82 -6.14 -18.09
CA ARG A 143 -4.64 -6.38 -16.67
C ARG A 143 -5.81 -5.82 -15.92
N LEU A 144 -6.21 -6.57 -14.89
CA LEU A 144 -7.29 -6.18 -14.04
C LEU A 144 -6.85 -6.23 -12.62
N TYR A 145 -7.57 -5.48 -11.77
CA TYR A 145 -7.26 -5.44 -10.33
C TYR A 145 -8.53 -5.28 -9.51
N LEU A 146 -8.95 -6.32 -8.77
CA LEU A 146 -10.15 -6.17 -7.98
C LEU A 146 -9.78 -5.65 -6.60
N GLN A 147 -10.50 -4.63 -6.17
CA GLN A 147 -10.20 -3.88 -5.00
C GLN A 147 -11.54 -3.47 -4.51
N GLN A 148 -12.06 -4.21 -3.55
CA GLN A 148 -13.38 -3.93 -3.09
C GLN A 148 -13.38 -4.08 -1.61
N THR A 149 -13.84 -3.02 -0.97
CA THR A 149 -14.13 -3.07 0.45
C THR A 149 -15.24 -4.15 0.77
N LEU A 150 -15.12 -4.84 1.90
CA LEU A 150 -16.03 -5.97 2.22
C LEU A 150 -17.34 -5.56 2.90
N ASN A 151 -18.49 -6.12 2.49
CA ASN A 151 -19.80 -5.74 3.09
C ASN A 151 -20.66 -6.92 3.45
N ASP A 152 -21.92 -6.63 3.81
CA ASP A 152 -22.91 -7.61 4.24
C ASP A 152 -23.33 -8.53 3.09
N THR A 153 -23.04 -8.12 1.85
CA THR A 153 -23.52 -8.88 0.68
C THR A 153 -22.79 -10.23 0.56
N VAL A 154 -21.66 -10.33 1.24
CA VAL A 154 -20.90 -11.58 1.28
C VAL A 154 -21.74 -12.70 1.93
N GLY A 155 -21.66 -13.89 1.35
CA GLY A 155 -22.41 -15.05 1.82
C GLY A 155 -21.82 -15.73 3.04
N ARG A 156 -22.40 -16.87 3.38
CA ARG A 156 -22.38 -17.41 4.73
C ARG A 156 -20.96 -17.82 5.10
N LYS A 157 -20.32 -18.50 4.17
CA LYS A 157 -19.01 -19.05 4.45
C LYS A 157 -17.99 -17.91 4.65
N ILE A 158 -18.08 -16.83 3.86
CA ILE A 158 -17.13 -15.71 4.01
C ILE A 158 -17.40 -15.02 5.37
N VAL A 159 -18.65 -14.92 5.78
CA VAL A 159 -18.88 -14.33 7.09
C VAL A 159 -18.22 -15.21 8.20
N MET A 160 -18.32 -16.54 8.05
CA MET A 160 -17.68 -17.43 9.02
C MET A 160 -16.13 -17.25 9.05
N ASP A 161 -15.51 -17.45 7.88
CA ASP A 161 -14.09 -17.19 7.68
C ASP A 161 -13.64 -15.94 8.43
N PHE A 162 -14.38 -14.88 8.15
CA PHE A 162 -14.15 -13.58 8.70
C PHE A 162 -14.18 -13.52 10.24
N LEU A 163 -15.11 -14.22 10.83
CA LEU A 163 -15.27 -14.30 12.28
C LEU A 163 -14.12 -15.10 12.95
N GLY A 164 -13.51 -15.99 12.18
CA GLY A 164 -12.29 -16.62 12.61
C GLY A 164 -10.96 -15.90 12.41
N PHE A 165 -11.00 -14.62 12.00
CA PHE A 165 -9.84 -13.83 11.92
C PHE A 165 -9.35 -13.55 13.34
N ASN A 166 -8.03 -13.25 13.53
CA ASN A 166 -7.52 -13.08 14.92
C ASN A 166 -7.92 -11.74 15.58
N TRP A 167 -9.21 -11.62 15.94
CA TRP A 167 -9.66 -10.33 16.45
C TRP A 167 -8.94 -10.00 17.81
N ASN A 168 -8.63 -11.03 18.62
CA ASN A 168 -7.95 -10.80 19.89
C ASN A 168 -6.68 -9.98 19.59
N TRP A 169 -5.90 -10.43 18.61
CA TRP A 169 -4.60 -9.86 18.41
C TRP A 169 -4.72 -8.41 17.93
N ILE A 170 -5.49 -8.17 16.89
CA ILE A 170 -5.56 -6.87 16.29
C ILE A 170 -6.33 -5.91 17.19
N ASN A 171 -7.39 -6.36 17.82
CA ASN A 171 -8.07 -5.50 18.86
C ASN A 171 -7.07 -4.95 19.89
N LYS A 172 -6.19 -5.83 20.37
CA LYS A 172 -5.18 -5.47 21.34
C LYS A 172 -4.16 -4.47 20.77
N GLN A 173 -3.88 -4.53 19.46
CA GLN A 173 -3.01 -3.52 18.83
C GLN A 173 -3.73 -2.23 18.68
N GLN A 174 -4.97 -2.27 18.22
CA GLN A 174 -5.77 -1.06 18.21
C GLN A 174 -5.70 -0.31 19.57
N GLY A 175 -5.96 -1.00 20.65
CA GLY A 175 -5.87 -0.39 21.95
C GLY A 175 -4.49 -0.04 22.46
N LYS A 176 -3.49 -0.94 22.36
CA LYS A 176 -2.12 -0.61 22.78
C LYS A 176 -1.62 0.74 22.17
N ARG A 177 -1.99 0.99 20.92
CA ARG A 177 -1.49 2.10 20.12
C ARG A 177 -2.35 3.39 20.19
N GLY A 178 -3.55 3.24 20.74
CA GLY A 178 -4.45 4.33 20.91
C GLY A 178 -5.17 4.68 19.65
N TRP A 179 -5.08 3.80 18.65
CA TRP A 179 -5.65 4.12 17.31
C TRP A 179 -7.10 4.39 17.40
N GLY A 180 -7.64 4.97 16.35
CA GLY A 180 -9.08 5.11 16.24
C GLY A 180 -9.72 3.87 15.70
N GLN A 181 -10.82 4.03 14.98
CA GLN A 181 -11.68 2.91 14.61
C GLN A 181 -11.21 2.18 13.35
N LEU A 182 -11.57 0.91 13.24
CA LEU A 182 -11.38 0.18 11.99
C LEU A 182 -12.36 0.73 10.97
N THR A 183 -11.86 1.31 9.91
CA THR A 183 -12.71 2.01 8.95
C THR A 183 -13.11 1.12 7.78
N SER A 184 -12.22 0.23 7.35
CA SER A 184 -12.58 -0.70 6.24
C SER A 184 -11.66 -1.86 6.20
N ASN A 185 -12.15 -2.91 5.57
CA ASN A 185 -11.31 -4.00 5.10
C ASN A 185 -11.47 -4.01 3.63
N LEU A 186 -10.39 -4.02 2.92
CA LEU A 186 -10.46 -4.10 1.51
C LEU A 186 -9.86 -5.42 1.10
N LEU A 187 -10.59 -6.16 0.25
CA LEU A 187 -10.06 -7.29 -0.50
C LEU A 187 -9.40 -6.79 -1.77
N LEU A 188 -8.16 -7.25 -2.00
CA LEU A 188 -7.49 -7.00 -3.26
C LEU A 188 -7.11 -8.31 -3.95
N ILE A 189 -7.44 -8.40 -5.25
CA ILE A 189 -7.10 -9.58 -6.06
C ILE A 189 -6.54 -9.09 -7.36
N GLY A 190 -5.26 -9.41 -7.54
CA GLY A 190 -4.38 -8.85 -8.57
C GLY A 190 -3.86 -9.97 -9.42
N MET A 191 -3.52 -9.63 -10.66
CA MET A 191 -2.82 -10.50 -11.58
C MET A 191 -1.32 -10.30 -11.46
N GLU A 192 -0.57 -11.41 -11.58
CA GLU A 192 0.88 -11.44 -11.54
C GLU A 192 1.41 -10.28 -12.35
N GLY A 193 2.42 -9.53 -11.83
CA GLY A 193 3.02 -8.38 -12.53
C GLY A 193 2.35 -7.04 -12.27
N ASN A 194 1.12 -7.06 -11.76
CA ASN A 194 0.37 -5.81 -11.41
C ASN A 194 1.18 -4.88 -10.50
N VAL A 195 1.21 -3.58 -10.81
CA VAL A 195 1.86 -2.64 -9.87
C VAL A 195 0.91 -1.55 -9.34
N THR A 196 0.88 -1.43 -8.02
CA THR A 196 0.35 -0.20 -7.39
C THR A 196 1.52 0.76 -7.16
N PRO A 197 1.57 1.88 -7.89
CA PRO A 197 2.73 2.77 -7.76
C PRO A 197 2.75 3.56 -6.43
N ALA A 198 3.92 4.08 -6.08
CA ALA A 198 4.20 4.69 -4.80
C ALA A 198 3.16 5.78 -4.39
N HIS A 199 2.54 5.60 -3.21
CA HIS A 199 1.65 6.56 -2.63
C HIS A 199 1.69 6.38 -1.14
N TYR A 200 1.10 7.31 -0.42
CA TYR A 200 0.94 7.24 1.01
C TYR A 200 -0.59 7.30 1.35
N ASP A 201 -0.99 6.65 2.45
CA ASP A 201 -2.43 6.59 2.92
C ASP A 201 -2.30 7.40 4.24
N GLU A 202 -3.38 8.05 4.70
CA GLU A 202 -3.31 8.74 5.99
C GLU A 202 -3.82 7.93 7.21
N GLN A 203 -4.19 6.64 6.98
CA GLN A 203 -4.58 5.67 7.99
C GLN A 203 -3.56 4.59 8.25
N GLN A 204 -3.64 4.00 9.47
CA GLN A 204 -2.69 2.97 9.90
C GLN A 204 -3.13 1.68 9.25
N ASN A 205 -2.18 0.85 8.75
CA ASN A 205 -2.52 -0.38 7.95
C ASN A 205 -1.87 -1.69 8.38
N PHE A 206 -2.72 -2.71 8.64
CA PHE A 206 -2.26 -4.12 8.64
C PHE A 206 -2.67 -4.82 7.39
N PHE A 207 -1.67 -5.21 6.60
CA PHE A 207 -1.77 -5.63 5.18
C PHE A 207 -1.52 -7.12 5.26
N ALA A 208 -2.58 -7.89 5.15
CA ALA A 208 -2.62 -9.31 5.45
C ALA A 208 -2.61 -10.12 4.14
N GLN A 209 -1.49 -10.78 3.89
CA GLN A 209 -1.31 -11.57 2.70
C GLN A 209 -1.93 -12.94 2.79
N ILE A 210 -2.51 -13.36 1.65
CA ILE A 210 -3.37 -14.55 1.64
C ILE A 210 -2.89 -15.54 0.60
N LYS A 211 -2.72 -15.12 -0.63
CA LYS A 211 -2.39 -16.04 -1.70
C LYS A 211 -1.34 -15.33 -2.53
N GLY A 212 -0.34 -16.06 -3.02
CA GLY A 212 0.79 -15.51 -3.74
C GLY A 212 1.63 -14.51 -2.96
N TYR A 213 2.50 -13.83 -3.70
CA TYR A 213 3.62 -13.04 -3.14
C TYR A 213 3.57 -11.66 -3.74
N LYS A 214 3.63 -10.71 -2.81
CA LYS A 214 3.77 -9.29 -3.15
C LYS A 214 5.02 -8.67 -2.54
N ARG A 215 5.76 -7.98 -3.39
CA ARG A 215 6.95 -7.18 -2.99
C ARG A 215 6.47 -5.74 -2.58
N CYS A 216 6.76 -5.37 -1.34
CA CYS A 216 6.31 -4.09 -0.79
C CYS A 216 7.55 -3.24 -0.60
N ILE A 217 7.73 -2.18 -1.43
CA ILE A 217 8.72 -1.15 -1.20
C ILE A 217 8.15 0.08 -0.51
N LEU A 218 8.61 0.36 0.71
CA LEU A 218 8.17 1.48 1.54
C LEU A 218 9.23 2.57 1.63
N PHE A 219 8.78 3.83 1.71
CA PHE A 219 9.66 4.88 2.13
C PHE A 219 9.05 5.69 3.34
N PRO A 220 9.91 6.18 4.25
CA PRO A 220 9.44 6.96 5.35
C PRO A 220 8.93 8.31 4.99
N PRO A 221 8.07 8.85 5.89
CA PRO A 221 7.45 10.11 5.59
C PRO A 221 8.50 11.30 5.35
N ASP A 222 9.69 11.23 5.93
CA ASP A 222 10.82 12.15 5.64
C ASP A 222 11.41 12.11 4.23
N GLN A 223 10.91 11.29 3.34
CA GLN A 223 11.28 11.37 1.94
C GLN A 223 10.33 11.95 1.08
N PHE A 224 9.39 12.69 1.65
CA PHE A 224 8.46 13.49 0.88
C PHE A 224 9.15 14.24 -0.28
N GLU A 225 10.31 14.82 0.06
CA GLU A 225 11.07 15.77 -0.90
C GLU A 225 11.71 15.01 -2.05
N CYS A 226 11.89 13.69 -1.89
CA CYS A 226 12.42 12.79 -2.91
C CYS A 226 11.39 12.13 -3.84
N LEU A 227 10.09 12.19 -3.41
CA LEU A 227 9.01 11.41 -4.04
C LEU A 227 8.00 12.19 -4.75
N TYR A 228 7.99 13.48 -4.50
CA TYR A 228 7.21 14.35 -5.38
C TYR A 228 5.61 14.10 -5.61
N PRO A 229 4.84 14.12 -4.50
CA PRO A 229 3.40 13.89 -4.81
C PRO A 229 2.74 14.91 -5.64
N TYR A 230 1.70 14.52 -6.38
CA TYR A 230 0.84 15.43 -7.07
C TYR A 230 0.26 16.56 -6.16
N PRO A 231 -0.13 17.69 -6.73
CA PRO A 231 -0.87 18.58 -5.90
C PRO A 231 -2.09 17.87 -5.20
N VAL A 232 -2.31 18.22 -3.93
CA VAL A 232 -3.49 17.91 -3.15
C VAL A 232 -4.86 17.91 -3.94
N HIS A 233 -5.03 18.83 -4.84
CA HIS A 233 -6.27 18.98 -5.58
C HIS A 233 -6.30 18.13 -6.87
N HIS A 234 -5.17 17.56 -7.22
CA HIS A 234 -5.13 16.70 -8.40
C HIS A 234 -5.80 15.36 -8.06
N PRO A 235 -6.46 14.75 -9.04
CA PRO A 235 -7.02 13.37 -8.89
C PRO A 235 -6.01 12.35 -8.44
N CYS A 236 -4.70 12.56 -8.71
CA CYS A 236 -3.65 11.71 -8.16
C CYS A 236 -3.01 12.12 -6.84
N ASP A 237 -3.72 12.90 -6.12
CA ASP A 237 -3.34 13.20 -4.78
C ASP A 237 -2.77 12.05 -3.98
N ARG A 238 -1.61 12.24 -3.38
CA ARG A 238 -0.93 11.25 -2.51
C ARG A 238 -0.09 10.21 -3.24
N GLN A 239 -0.11 10.28 -4.57
CA GLN A 239 0.79 9.45 -5.38
C GLN A 239 2.03 10.31 -5.83
N SER A 240 3.14 9.60 -6.01
CA SER A 240 4.31 10.09 -6.62
C SER A 240 4.13 10.43 -8.07
N GLN A 241 4.69 11.61 -8.48
CA GLN A 241 4.71 11.92 -9.89
C GLN A 241 5.80 11.12 -10.51
N VAL A 242 6.68 10.51 -9.73
CA VAL A 242 7.84 9.90 -10.36
C VAL A 242 7.52 8.51 -10.96
N ASP A 243 7.81 8.30 -12.25
CA ASP A 243 7.76 6.96 -12.88
C ASP A 243 8.98 6.12 -12.50
N PHE A 244 8.79 5.11 -11.66
CA PHE A 244 9.90 4.36 -11.14
C PHE A 244 10.65 3.53 -12.24
N ASP A 245 10.00 3.20 -13.35
CA ASP A 245 10.61 2.47 -14.40
C ASP A 245 11.26 3.44 -15.37
N ASN A 246 11.05 4.76 -15.21
CA ASN A 246 11.79 5.76 -16.09
C ASN A 246 11.88 7.10 -15.41
N PRO A 247 12.67 7.20 -14.33
CA PRO A 247 12.68 8.45 -13.53
C PRO A 247 13.28 9.60 -14.29
N ASP A 248 12.54 10.70 -14.25
CA ASP A 248 12.93 11.90 -14.88
C ASP A 248 13.66 12.77 -13.86
N TYR A 249 14.97 12.68 -13.86
CA TYR A 249 15.85 13.29 -12.85
C TYR A 249 15.99 14.78 -13.01
N GLU A 250 15.63 15.26 -14.18
CA GLU A 250 15.56 16.71 -14.40
C GLU A 250 14.40 17.38 -13.60
N ARG A 251 13.21 16.77 -13.70
CA ARG A 251 12.04 17.14 -12.93
C ARG A 251 12.19 16.74 -11.50
N PHE A 252 12.83 15.60 -11.22
CA PHE A 252 12.74 15.05 -9.89
C PHE A 252 14.06 14.71 -9.33
N PRO A 253 14.88 15.72 -9.16
CA PRO A 253 16.31 15.41 -8.90
C PRO A 253 16.55 14.65 -7.65
N ASN A 254 15.74 14.87 -6.63
CA ASN A 254 15.97 14.14 -5.36
C ASN A 254 15.44 12.73 -5.33
N PHE A 255 14.94 12.23 -6.43
CA PHE A 255 14.75 10.81 -6.51
C PHE A 255 16.05 9.96 -6.54
N GLN A 256 17.17 10.58 -6.93
CA GLN A 256 18.53 9.94 -6.85
C GLN A 256 19.03 9.72 -5.44
N ASN A 257 18.30 10.24 -4.45
CA ASN A 257 18.68 10.13 -3.01
C ASN A 257 17.67 9.24 -2.23
N VAL A 258 16.67 8.80 -2.94
CA VAL A 258 15.72 7.84 -2.37
C VAL A 258 16.27 6.48 -1.86
N VAL A 259 15.87 6.13 -0.63
CA VAL A 259 16.22 4.88 0.00
C VAL A 259 14.99 4.20 0.56
N GLY A 260 14.82 2.97 0.19
CA GLY A 260 13.63 2.22 0.56
C GLY A 260 13.90 1.02 1.49
N TYR A 261 12.76 0.56 1.99
CA TYR A 261 12.67 -0.58 2.89
C TYR A 261 11.81 -1.51 2.13
N GLU A 262 12.31 -2.71 1.94
CA GLU A 262 11.54 -3.61 1.17
C GLU A 262 11.39 -5.06 1.83
N THR A 263 10.41 -5.73 1.33
CA THR A 263 10.12 -7.07 1.77
C THR A 263 9.24 -7.81 0.74
N VAL A 264 9.27 -9.10 0.85
CA VAL A 264 8.31 -9.90 0.12
C VAL A 264 7.37 -10.67 1.10
N VAL A 265 6.09 -10.31 1.00
CA VAL A 265 5.06 -10.97 1.84
C VAL A 265 4.43 -12.17 1.06
N GLY A 266 4.30 -13.26 1.77
CA GLY A 266 3.43 -14.36 1.33
C GLY A 266 2.28 -14.73 2.27
N PRO A 267 1.57 -15.81 1.95
CA PRO A 267 0.41 -16.34 2.80
C PRO A 267 0.77 -16.44 4.26
N GLY A 268 0.08 -15.73 5.12
CA GLY A 268 0.38 -15.83 6.55
C GLY A 268 1.02 -14.62 7.07
N ASP A 269 1.63 -13.79 6.17
CA ASP A 269 2.38 -12.75 6.72
C ASP A 269 1.44 -11.55 6.80
N VAL A 270 1.75 -10.65 7.75
CA VAL A 270 1.11 -9.35 7.90
C VAL A 270 2.19 -8.28 7.91
N LEU A 271 1.99 -7.25 7.10
CA LEU A 271 2.88 -6.12 7.00
C LEU A 271 2.17 -4.93 7.62
N TYR A 272 2.79 -4.40 8.68
CA TYR A 272 2.37 -3.11 9.19
C TYR A 272 2.95 -2.01 8.29
N ILE A 273 2.08 -1.28 7.61
CA ILE A 273 2.41 -0.06 6.88
C ILE A 273 1.98 1.14 7.76
N PRO A 274 2.97 1.82 8.40
CA PRO A 274 2.55 2.95 9.25
C PRO A 274 2.01 4.13 8.43
N MET A 275 1.18 4.89 9.07
CA MET A 275 0.42 5.98 8.53
C MET A 275 1.45 6.96 7.89
N TYR A 276 1.14 7.44 6.68
CA TYR A 276 2.02 8.31 5.83
C TYR A 276 3.27 7.65 5.33
N TRP A 277 3.51 6.36 5.57
CA TRP A 277 4.58 5.74 4.86
C TRP A 277 4.26 5.50 3.42
N TRP A 278 5.14 5.96 2.50
CA TRP A 278 5.04 5.63 1.06
C TRP A 278 5.11 4.10 0.91
N HIS A 279 4.25 3.56 0.03
CA HIS A 279 4.46 2.24 -0.43
C HIS A 279 4.16 2.02 -1.91
N HIS A 280 4.88 1.07 -2.45
CA HIS A 280 4.83 0.63 -3.83
C HIS A 280 4.68 -0.89 -3.69
N ILE A 281 3.63 -1.48 -4.25
CA ILE A 281 3.28 -2.92 -4.02
C ILE A 281 3.21 -3.60 -5.38
N GLU A 282 3.96 -4.67 -5.60
CA GLU A 282 3.89 -5.35 -6.91
C GLU A 282 3.71 -6.81 -6.80
N SER A 283 2.90 -7.35 -7.67
CA SER A 283 2.64 -8.76 -7.57
C SER A 283 3.71 -9.48 -8.37
N LEU A 284 4.40 -10.44 -7.76
CA LEU A 284 5.53 -11.11 -8.46
C LEU A 284 5.24 -11.50 -9.90
N LEU A 285 6.19 -11.20 -10.75
CA LEU A 285 6.22 -11.65 -12.14
C LEU A 285 6.08 -13.19 -12.12
N ASN A 286 5.23 -13.70 -12.99
CA ASN A 286 4.96 -15.16 -13.08
C ASN A 286 4.63 -15.84 -11.76
N GLY A 287 4.04 -15.06 -10.84
CA GLY A 287 3.71 -15.62 -9.52
C GLY A 287 2.29 -16.13 -9.36
N GLY A 288 1.40 -15.86 -10.32
CA GLY A 288 -0.01 -16.27 -10.21
C GLY A 288 -0.85 -15.15 -9.64
N ILE A 289 -2.10 -15.37 -9.26
CA ILE A 289 -2.91 -14.27 -8.76
C ILE A 289 -2.48 -14.00 -7.31
N THR A 290 -2.64 -12.77 -6.88
CA THR A 290 -2.37 -12.43 -5.49
C THR A 290 -3.68 -12.09 -4.79
N ILE A 291 -3.78 -12.45 -3.53
CA ILE A 291 -4.85 -12.01 -2.71
C ILE A 291 -4.37 -11.49 -1.35
N THR A 292 -4.94 -10.35 -0.99
CA THR A 292 -4.61 -9.62 0.20
C THR A 292 -5.90 -9.03 0.80
N VAL A 293 -5.89 -8.98 2.12
CA VAL A 293 -6.85 -8.17 2.80
C VAL A 293 -6.14 -7.18 3.67
N ASN A 294 -6.65 -5.97 3.63
CA ASN A 294 -6.06 -4.80 4.39
C ASN A 294 -6.97 -4.52 5.57
N PHE A 295 -6.40 -4.09 6.68
CA PHE A 295 -7.16 -3.55 7.78
C PHE A 295 -6.73 -2.13 8.01
N TRP A 296 -7.62 -1.15 7.80
CA TRP A 296 -7.30 0.28 7.98
C TRP A 296 -7.90 0.82 9.25
N TYR A 297 -7.09 1.52 10.03
CA TYR A 297 -7.49 2.20 11.21
C TYR A 297 -7.10 3.67 11.12
N LYS A 298 -7.91 4.54 11.72
CA LYS A 298 -7.52 5.92 12.03
C LYS A 298 -6.37 5.95 13.06
N GLY A 299 -5.42 6.90 12.94
CA GLY A 299 -4.29 7.03 13.94
C GLY A 299 -4.77 7.53 15.31
N ALA A 300 -3.89 7.51 16.33
CA ALA A 300 -4.20 8.09 17.65
C ALA A 300 -4.37 9.63 17.53
N PRO A 301 -5.30 10.22 18.32
CA PRO A 301 -5.53 11.66 18.18
C PRO A 301 -4.24 12.49 18.34
N THR A 302 -4.19 13.68 17.74
CA THR A 302 -3.06 14.60 18.00
C THR A 302 -3.13 15.01 19.47
N PRO A 303 -2.02 14.86 20.23
CA PRO A 303 -2.01 15.35 21.60
C PRO A 303 -2.48 16.81 21.77
N LYS A 304 -2.94 17.12 22.98
CA LYS A 304 -3.39 18.45 23.42
C LYS A 304 -2.55 19.69 22.95
N ARG A 305 -1.28 19.70 23.35
CA ARG A 305 -0.31 20.69 22.87
C ARG A 305 0.84 19.91 22.24
N ILE A 306 1.51 20.56 21.30
CA ILE A 306 2.46 19.91 20.43
C ILE A 306 3.82 19.70 21.11
N GLU A 307 4.64 18.84 20.53
CA GLU A 307 6.02 18.65 20.93
C GLU A 307 6.89 18.99 19.76
N TYR A 308 8.11 19.43 20.03
CA TYR A 308 9.06 19.86 19.01
C TYR A 308 10.32 19.07 19.29
N PRO A 309 11.00 18.55 18.25
CA PRO A 309 10.71 18.64 16.82
C PRO A 309 9.38 18.02 16.39
N LEU A 310 8.86 18.53 15.30
CA LEU A 310 7.72 17.89 14.65
C LEU A 310 8.12 16.54 14.00
N LYS A 311 7.24 15.52 14.05
CA LYS A 311 7.40 14.34 13.22
C LYS A 311 7.25 14.68 11.70
N ALA A 312 7.98 13.98 10.84
CA ALA A 312 7.83 14.14 9.38
C ALA A 312 6.38 14.18 8.98
N HIS A 313 5.51 13.30 9.55
CA HIS A 313 4.11 13.15 9.04
C HIS A 313 3.26 14.33 9.45
N GLN A 314 3.66 14.96 10.54
CA GLN A 314 2.98 16.20 10.95
C GLN A 314 3.25 17.36 10.02
N LYS A 315 4.50 17.51 9.58
CA LYS A 315 4.82 18.48 8.49
C LYS A 315 4.17 18.18 7.11
N VAL A 316 4.05 16.93 6.73
CA VAL A 316 3.16 16.53 5.60
C VAL A 316 1.74 16.90 5.87
N ALA A 317 1.29 16.73 7.09
CA ALA A 317 -0.08 17.18 7.40
C ALA A 317 -0.23 18.65 7.20
N ILE A 318 0.61 19.40 7.85
CA ILE A 318 0.75 20.88 7.58
C ILE A 318 0.81 21.32 6.09
N MET A 319 1.65 20.67 5.31
CA MET A 319 1.68 21.07 3.90
C MET A 319 0.36 20.77 3.25
N ARG A 320 -0.29 19.64 3.57
CA ARG A 320 -1.55 19.29 2.88
C ARG A 320 -2.61 20.36 3.12
N ASN A 321 -2.63 20.81 4.35
CA ASN A 321 -3.61 21.76 4.83
C ASN A 321 -3.32 23.21 4.34
N ILE A 322 -2.04 23.61 4.15
CA ILE A 322 -1.79 24.92 3.45
C ILE A 322 -2.40 24.81 2.03
N GLU A 323 -2.16 23.71 1.31
CA GLU A 323 -2.74 23.65 -0.06
C GLU A 323 -4.27 23.66 -0.14
N LYS A 324 -4.91 22.89 0.75
CA LYS A 324 -6.38 22.89 0.88
C LYS A 324 -6.94 24.26 1.23
N MET A 325 -6.43 24.91 2.28
CA MET A 325 -6.88 26.25 2.70
C MET A 325 -6.74 27.17 1.51
N LEU A 326 -5.57 27.13 0.86
CA LEU A 326 -5.30 28.08 -0.26
C LEU A 326 -6.29 27.82 -1.40
N GLY A 327 -6.66 26.57 -1.57
CA GLY A 327 -7.76 26.21 -2.50
C GLY A 327 -9.09 26.88 -2.17
N GLU A 328 -9.41 27.06 -0.89
CA GLU A 328 -10.68 27.65 -0.50
C GLU A 328 -10.65 29.16 -0.55
N ALA A 329 -9.58 29.74 -0.03
CA ALA A 329 -9.32 31.18 -0.06
C ALA A 329 -9.38 31.78 -1.47
N LEU A 330 -8.65 31.18 -2.39
CA LEU A 330 -8.57 31.74 -3.73
C LEU A 330 -9.80 31.43 -4.54
N GLY A 331 -10.58 30.46 -4.11
CA GLY A 331 -11.81 30.14 -4.86
C GLY A 331 -11.62 29.29 -6.12
N ASN A 332 -10.40 28.80 -6.31
CA ASN A 332 -10.04 28.04 -7.49
C ASN A 332 -8.75 27.33 -7.19
N PRO A 333 -8.79 26.00 -7.18
CA PRO A 333 -7.54 25.34 -6.81
C PRO A 333 -6.39 25.46 -7.85
N GLN A 334 -6.70 25.81 -9.08
CA GLN A 334 -5.67 26.04 -10.10
C GLN A 334 -4.76 27.28 -9.87
N GLU A 335 -5.22 28.23 -9.05
CA GLU A 335 -4.47 29.39 -8.58
C GLU A 335 -3.54 29.09 -7.40
N VAL A 336 -3.59 27.88 -6.83
CA VAL A 336 -2.78 27.58 -5.71
C VAL A 336 -1.30 27.71 -6.12
N GLY A 337 -0.92 27.09 -7.18
CA GLY A 337 0.45 27.09 -7.51
C GLY A 337 1.09 28.47 -7.87
N PRO A 338 0.41 29.21 -8.72
CA PRO A 338 0.92 30.57 -8.97
C PRO A 338 1.13 31.44 -7.69
N LEU A 339 0.22 31.42 -6.73
CA LEU A 339 0.42 32.17 -5.44
C LEU A 339 1.60 31.67 -4.63
N LEU A 340 1.73 30.32 -4.53
CA LEU A 340 2.83 29.72 -3.80
C LEU A 340 4.19 30.03 -4.43
N ASN A 341 4.31 29.91 -5.73
CA ASN A 341 5.45 30.42 -6.42
C ASN A 341 5.77 31.89 -6.24
N THR A 342 4.80 32.78 -6.48
CA THR A 342 4.94 34.17 -6.16
C THR A 342 5.42 34.42 -4.69
N MET A 343 5.07 33.53 -3.77
CA MET A 343 5.46 33.64 -2.38
C MET A 343 6.87 33.28 -2.09
N ILE A 344 7.44 32.26 -2.81
CA ILE A 344 8.76 31.82 -2.50
C ILE A 344 9.85 32.47 -3.37
N LYS A 345 9.59 32.77 -4.65
CA LYS A 345 10.63 33.18 -5.56
C LYS A 345 11.30 34.48 -5.22
N GLY A 346 12.62 34.33 -5.03
CA GLY A 346 13.51 35.42 -4.72
C GLY A 346 13.26 35.86 -3.27
N ARG A 347 12.53 35.03 -2.53
CA ARG A 347 12.14 35.32 -1.14
C ARG A 347 12.55 34.24 -0.12
N TYR A 348 12.31 33.00 -0.45
CA TYR A 348 12.78 31.91 0.38
C TYR A 348 13.60 30.87 -0.38
N ASN A 349 13.75 30.99 -1.70
CA ASN A 349 14.54 29.97 -2.46
C ASN A 349 15.93 30.46 -2.92
#